data_4EQ1
#
_entry.id   4EQ1
#
_cell.length_a   93.315
_cell.length_b   61.678
_cell.length_c   55.514
_cell.angle_alpha   90.000
_cell.angle_beta   124.600
_cell.angle_gamma   90.000
#
_symmetry.space_group_name_H-M   'C 1 2 1'
#
loop_
_entity.id
_entity.type
_entity.pdbx_description
1 polymer 'Aryl hydrocarbon receptor nuclear translocator'
2 non-polymer 3,6,9,12,15,18,21,24-OCTAOXAHEXACOSAN-1-OL
3 water water
#
_entity_poly.entity_id   1
_entity_poly.type   'polypeptide(L)'
_entity_poly.pdbx_seq_one_letter_code
;GVCQPTEFISRHNIEGIFTFVDHRCVATVGYQPQELLGKNIVEFCHPEDQQLLRDSFQQVVKLKGQVLSVMFRFRSKNQE
WLWMRTSSFTFQNPYSDEIEYIICTNTNV
;
_entity_poly.pdbx_strand_id   A,B
#
loop_
_chem_comp.id
_chem_comp.type
_chem_comp.name
_chem_comp.formula
PE5 non-polymer 3,6,9,12,15,18,21,24-OCTAOXAHEXACOSAN-1-OL 'C18 H38 O9'
#
# COMPACT_ATOMS: atom_id res chain seq x y z
N GLY A 1 15.21 -11.38 5.77
CA GLY A 1 14.15 -10.81 4.95
C GLY A 1 13.86 -9.36 5.30
N VAL A 2 14.55 -8.86 6.31
CA VAL A 2 14.34 -7.49 6.80
C VAL A 2 14.73 -6.43 5.77
N CYS A 3 13.73 -5.65 5.39
CA CYS A 3 13.83 -4.57 4.44
C CYS A 3 13.95 -3.20 5.15
N GLN A 4 14.76 -2.28 4.63
CA GLN A 4 14.53 -0.88 4.99
C GLN A 4 13.39 -0.35 4.14
N PRO A 5 12.59 0.60 4.68
CA PRO A 5 11.42 0.99 3.87
C PRO A 5 11.78 1.88 2.67
N THR A 6 11.08 1.67 1.57
CA THR A 6 11.30 2.48 0.37
C THR A 6 10.00 3.17 -0.12
N GLU A 7 8.88 2.89 0.56
CA GLU A 7 7.59 3.48 0.20
C GLU A 7 6.72 3.55 1.43
N PHE A 8 5.70 4.39 1.34
CA PHE A 8 4.64 4.36 2.35
C PHE A 8 3.29 4.57 1.72
N ILE A 9 2.25 4.09 2.39
CA ILE A 9 0.88 4.25 1.95
C ILE A 9 0.27 5.44 2.71
N SER A 10 -0.43 6.28 1.95
CA SER A 10 -1.27 7.31 2.53
C SER A 10 -2.71 7.18 2.04
N ARG A 11 -3.63 7.70 2.84
CA ARG A 11 -4.98 7.96 2.39
C ARG A 11 -5.25 9.42 2.37
N HIS A 12 -6.05 9.82 1.38
CA HIS A 12 -6.37 11.22 1.16
C HIS A 12 -7.86 11.44 0.90
N ASN A 13 -8.33 12.62 1.25
CA ASN A 13 -9.63 13.02 0.76
C ASN A 13 -9.50 13.47 -0.70
N ILE A 14 -10.63 13.76 -1.36
CA ILE A 14 -10.52 14.05 -2.77
C ILE A 14 -9.74 15.32 -3.11
N GLU A 15 -9.57 16.22 -2.16
CA GLU A 15 -8.82 17.45 -2.39
C GLU A 15 -7.31 17.29 -2.18
N GLY A 16 -6.89 16.15 -1.61
CA GLY A 16 -5.48 15.86 -1.46
C GLY A 16 -4.99 15.87 -0.03
N ILE A 17 -5.88 16.16 0.92
CA ILE A 17 -5.44 16.21 2.29
C ILE A 17 -5.08 14.81 2.81
N PHE A 18 -3.94 14.69 3.52
CA PHE A 18 -3.58 13.44 4.17
C PHE A 18 -4.56 13.11 5.30
N THR A 19 -5.19 11.95 5.23
CA THR A 19 -6.05 11.49 6.35
C THR A 19 -5.51 10.22 7.04
N PHE A 20 -4.50 9.58 6.42
CA PHE A 20 -3.84 8.39 6.95
C PHE A 20 -2.42 8.39 6.38
N VAL A 21 -1.43 8.06 7.20
CA VAL A 21 -0.11 7.78 6.69
C VAL A 21 0.51 6.67 7.54
N ASP A 22 1.13 5.67 6.92
CA ASP A 22 1.82 4.66 7.75
C ASP A 22 3.23 5.13 8.12
N HIS A 23 3.84 4.47 9.12
CA HIS A 23 5.01 5.02 9.77
C HIS A 23 6.27 4.90 8.92
N ARG A 24 6.17 4.22 7.78
CA ARG A 24 7.31 4.15 6.87
C ARG A 24 7.63 5.52 6.31
N CYS A 25 6.73 6.46 6.42
CA CYS A 25 7.05 7.84 5.99
C CYS A 25 8.24 8.46 6.73
N VAL A 26 8.52 7.98 7.94
CA VAL A 26 9.62 8.54 8.70
C VAL A 26 10.92 8.23 8.00
N ALA A 27 11.09 6.98 7.61
CA ALA A 27 12.29 6.56 6.91
C ALA A 27 12.36 7.11 5.48
N THR A 28 11.20 7.24 4.83
CA THR A 28 11.17 7.54 3.40
C THR A 28 11.32 9.04 3.21
N VAL A 29 10.57 9.84 3.96
CA VAL A 29 10.57 11.30 3.72
C VAL A 29 10.89 12.14 4.96
N GLY A 30 11.07 11.48 6.09
CA GLY A 30 11.62 12.13 7.25
C GLY A 30 10.60 12.68 8.22
N TYR A 31 9.31 12.62 7.88
CA TYR A 31 8.27 13.14 8.76
C TYR A 31 7.58 12.03 9.54
N GLN A 32 7.11 12.37 10.74
CA GLN A 32 6.16 11.50 11.45
C GLN A 32 4.80 11.70 10.78
N PRO A 33 3.94 10.68 10.79
CA PRO A 33 2.57 10.82 10.25
C PRO A 33 1.88 12.08 10.77
N GLN A 34 2.08 12.38 12.06
CA GLN A 34 1.47 13.56 12.67
C GLN A 34 1.84 14.90 12.01
N GLU A 35 3.00 14.96 11.35
CA GLU A 35 3.43 16.15 10.64
C GLU A 35 2.82 16.31 9.24
N LEU A 36 2.26 15.21 8.75
CA LEU A 36 1.60 15.20 7.44
C LEU A 36 0.06 15.25 7.53
N LEU A 37 -0.49 14.58 8.53
CA LEU A 37 -1.96 14.50 8.68
C LEU A 37 -2.60 15.88 8.72
N GLY A 38 -3.63 16.07 7.92
CA GLY A 38 -4.30 17.35 7.85
C GLY A 38 -3.77 18.37 6.88
N LYS A 39 -2.60 18.05 6.31
CA LYS A 39 -2.00 18.88 5.32
C LYS A 39 -2.29 18.32 3.93
N ASN A 40 -2.29 19.17 2.91
CA ASN A 40 -2.48 18.71 1.54
C ASN A 40 -1.16 18.20 0.99
N ILE A 41 -1.20 17.11 0.24
CA ILE A 41 0.04 16.55 -0.33
C ILE A 41 0.73 17.59 -1.24
N VAL A 42 -0.05 18.45 -1.86
CA VAL A 42 0.51 19.45 -2.77
C VAL A 42 1.42 20.46 -2.02
N GLU A 43 1.22 20.63 -0.72
CA GLU A 43 2.11 21.49 0.07
C GLU A 43 3.55 20.94 0.14
N PHE A 44 3.73 19.65 -0.15
CA PHE A 44 5.03 19.03 -0.09
C PHE A 44 5.61 18.81 -1.49
N CYS A 45 4.91 19.30 -2.51
CA CYS A 45 5.29 19.04 -3.89
C CYS A 45 6.11 20.19 -4.46
N HIS A 46 7.15 19.86 -5.23
CA HIS A 46 7.93 20.88 -5.89
C HIS A 46 6.96 21.74 -6.74
N PRO A 47 7.10 23.07 -6.74
CA PRO A 47 6.14 23.88 -7.53
C PRO A 47 6.03 23.54 -9.01
N GLU A 48 7.11 23.15 -9.68
CA GLU A 48 7.06 22.65 -11.04
C GLU A 48 6.23 21.40 -11.30
N ASP A 49 5.98 20.61 -10.26
CA ASP A 49 5.33 19.32 -10.44
C ASP A 49 3.90 19.41 -9.94
N GLN A 50 3.49 20.58 -9.49
CA GLN A 50 2.19 20.69 -8.81
C GLN A 50 0.97 20.48 -9.73
N GLN A 51 1.12 20.77 -11.01
CA GLN A 51 -0.03 20.61 -11.89
C GLN A 51 -0.23 19.12 -12.21
N LEU A 52 0.87 18.41 -12.36
CA LEU A 52 0.84 16.93 -12.52
C LEU A 52 0.10 16.31 -11.35
N LEU A 53 0.49 16.69 -10.14
CA LEU A 53 -0.04 16.06 -8.96
C LEU A 53 -1.54 16.45 -8.80
N ARG A 54 -1.87 17.70 -9.09
CA ARG A 54 -3.27 18.13 -9.07
C ARG A 54 -4.10 17.38 -10.11
N ASP A 55 -3.55 17.21 -11.30
CA ASP A 55 -4.24 16.54 -12.38
C ASP A 55 -4.47 15.08 -11.98
N SER A 56 -3.50 14.47 -11.30
CA SER A 56 -3.66 13.09 -10.83
CA SER A 56 -3.65 13.09 -10.82
C SER A 56 -4.87 12.93 -9.91
N PHE A 57 -5.00 13.82 -8.96
CA PHE A 57 -6.11 13.80 -8.00
C PHE A 57 -7.44 14.05 -8.68
N GLN A 58 -7.46 15.00 -9.60
CA GLN A 58 -8.71 15.27 -10.29
C GLN A 58 -9.17 14.04 -11.11
N GLN A 59 -8.24 13.42 -11.82
CA GLN A 59 -8.61 12.31 -12.69
C GLN A 59 -8.95 11.01 -11.94
N VAL A 60 -8.25 10.74 -10.84
CA VAL A 60 -8.47 9.49 -10.15
C VAL A 60 -9.92 9.44 -9.62
N VAL A 61 -10.50 10.60 -9.31
CA VAL A 61 -11.85 10.61 -8.76
C VAL A 61 -12.90 10.55 -9.87
N LYS A 62 -12.54 11.03 -11.05
CA LYS A 62 -13.45 11.04 -12.16
C LYS A 62 -13.74 9.62 -12.69
N LEU A 63 -12.70 8.79 -12.76
CA LEU A 63 -12.88 7.40 -13.13
C LEU A 63 -12.67 6.51 -11.91
N LYS A 64 -13.69 6.39 -11.09
CA LYS A 64 -13.56 5.71 -9.82
C LYS A 64 -13.01 4.31 -9.97
N GLY A 65 -11.93 4.02 -9.26
CA GLY A 65 -11.36 2.67 -9.30
C GLY A 65 -10.20 2.51 -10.28
N GLN A 66 -10.04 3.43 -11.22
CA GLN A 66 -8.87 3.42 -12.07
C GLN A 66 -7.59 3.79 -11.33
N VAL A 67 -6.49 3.14 -11.67
CA VAL A 67 -5.20 3.45 -11.06
C VAL A 67 -4.37 4.37 -11.95
N LEU A 68 -3.83 5.42 -11.34
CA LEU A 68 -2.89 6.33 -11.98
C LEU A 68 -1.57 6.28 -11.26
N SER A 69 -0.50 6.61 -11.98
CA SER A 69 0.83 6.75 -11.42
C SER A 69 1.40 8.07 -11.88
N VAL A 70 2.00 8.80 -10.96
CA VAL A 70 2.66 10.08 -11.26
C VAL A 70 4.00 10.15 -10.55
N MET A 71 4.93 10.87 -11.17
CA MET A 71 6.25 11.11 -10.62
C MET A 71 6.36 12.59 -10.28
N PHE A 72 6.82 12.89 -9.07
CA PHE A 72 6.98 14.26 -8.61
C PHE A 72 8.00 14.33 -7.51
N ARG A 73 8.51 15.54 -7.25
CA ARG A 73 9.45 15.76 -6.16
C ARG A 73 8.73 16.16 -4.88
N PHE A 74 9.07 15.44 -3.81
CA PHE A 74 8.52 15.59 -2.52
C PHE A 74 9.55 16.24 -1.60
N ARG A 75 9.15 17.24 -0.83
CA ARG A 75 10.04 17.95 0.09
C ARG A 75 10.29 17.11 1.36
N SER A 76 11.46 16.50 1.49
CA SER A 76 11.76 15.80 2.75
C SER A 76 12.05 16.74 3.92
N LYS A 77 11.95 16.16 5.11
CA LYS A 77 12.18 16.85 6.37
C LYS A 77 13.59 17.41 6.42
N ASN A 78 14.49 16.76 5.69
CA ASN A 78 15.89 17.15 5.63
C ASN A 78 16.15 18.17 4.52
N GLN A 79 15.09 18.77 4.00
CA GLN A 79 15.21 19.82 2.98
C GLN A 79 15.91 19.37 1.71
N GLU A 80 15.48 18.21 1.20
CA GLU A 80 15.92 17.70 -0.08
C GLU A 80 14.69 17.44 -0.91
N TRP A 81 14.78 17.62 -2.21
CA TRP A 81 13.74 17.08 -3.09
C TRP A 81 13.95 15.61 -3.37
N LEU A 82 12.96 14.80 -2.99
CA LEU A 82 13.01 13.37 -3.29
C LEU A 82 12.06 13.02 -4.40
N TRP A 83 12.57 12.36 -5.43
CA TRP A 83 11.70 11.85 -6.48
C TRP A 83 10.82 10.74 -5.96
N MET A 84 9.54 10.92 -6.18
CA MET A 84 8.51 9.98 -5.72
CA MET A 84 8.52 10.01 -5.71
C MET A 84 7.71 9.50 -6.91
N ARG A 85 7.46 8.20 -6.93
CA ARG A 85 6.51 7.61 -7.89
C ARG A 85 5.30 7.18 -7.04
N THR A 86 4.17 7.82 -7.27
CA THR A 86 2.98 7.59 -6.45
C THR A 86 1.88 6.98 -7.31
N SER A 87 1.33 5.84 -6.90
CA SER A 87 0.17 5.31 -7.59
C SER A 87 -1.02 5.73 -6.75
N SER A 88 -2.12 6.04 -7.42
CA SER A 88 -3.32 6.51 -6.75
C SER A 88 -4.54 5.84 -7.32
N PHE A 89 -5.53 5.57 -6.46
CA PHE A 89 -6.82 5.10 -6.92
C PHE A 89 -7.85 5.33 -5.82
N THR A 90 -9.12 5.46 -6.18
CA THR A 90 -10.19 5.58 -5.19
C THR A 90 -10.65 4.21 -4.70
N PHE A 91 -10.92 4.14 -3.41
CA PHE A 91 -11.49 2.97 -2.78
C PHE A 91 -12.96 3.26 -2.55
N GLN A 92 -13.82 2.42 -3.13
CA GLN A 92 -15.27 2.55 -3.06
C GLN A 92 -15.87 1.73 -1.94
N ASN A 93 -16.83 2.30 -1.23
CA ASN A 93 -17.54 1.50 -0.25
C ASN A 93 -18.21 0.30 -0.95
N PRO A 94 -18.07 -0.91 -0.37
CA PRO A 94 -18.61 -2.09 -1.01
C PRO A 94 -20.14 -2.08 -1.09
N TYR A 95 -20.79 -1.29 -0.22
CA TYR A 95 -22.26 -1.29 -0.12
C TYR A 95 -22.95 -0.13 -0.83
N SER A 96 -22.32 1.03 -0.86
CA SER A 96 -22.88 2.21 -1.53
C SER A 96 -22.17 2.54 -2.85
N ASP A 97 -20.98 1.99 -3.04
CA ASP A 97 -20.12 2.31 -4.19
C ASP A 97 -19.64 3.75 -4.23
N GLU A 98 -19.74 4.47 -3.13
CA GLU A 98 -19.25 5.84 -3.12
C GLU A 98 -17.75 5.85 -2.79
N ILE A 99 -17.05 6.86 -3.29
CA ILE A 99 -15.67 7.06 -2.92
C ILE A 99 -15.52 7.30 -1.43
N GLU A 100 -14.72 6.46 -0.78
CA GLU A 100 -14.42 6.61 0.64
C GLU A 100 -13.13 7.38 0.84
N TYR A 101 -12.14 7.10 -0.01
CA TYR A 101 -10.91 7.87 0.07
C TYR A 101 -10.05 7.50 -1.13
N ILE A 102 -8.94 8.24 -1.29
CA ILE A 102 -7.96 7.98 -2.32
C ILE A 102 -6.79 7.30 -1.62
N ILE A 103 -6.37 6.16 -2.17
CA ILE A 103 -5.25 5.39 -1.62
C ILE A 103 -4.01 5.65 -2.46
N CYS A 104 -2.97 6.16 -1.82
CA CYS A 104 -1.70 6.45 -2.48
C CYS A 104 -0.58 5.56 -1.95
N THR A 105 0.23 5.05 -2.85
CA THR A 105 1.41 4.29 -2.45
C THR A 105 2.54 5.10 -3.06
N ASN A 106 3.39 5.64 -2.19
CA ASN A 106 4.39 6.67 -2.50
C ASN A 106 5.77 6.05 -2.39
N THR A 107 6.40 5.83 -3.55
CA THR A 107 7.66 5.11 -3.62
C THR A 107 8.80 6.08 -3.96
N ASN A 108 9.82 6.10 -3.11
CA ASN A 108 10.98 6.92 -3.46
C ASN A 108 11.79 6.22 -4.55
N VAL A 109 11.95 6.90 -5.69
CA VAL A 109 12.61 6.31 -6.86
C VAL A 109 13.90 7.02 -7.16
N GLY B 1 -1.80 9.10 -17.73
CA GLY B 1 -1.17 8.61 -16.51
C GLY B 1 -1.75 7.30 -16.04
N VAL B 2 -2.73 6.81 -16.80
CA VAL B 2 -3.48 5.60 -16.45
C VAL B 2 -2.57 4.39 -16.41
N CYS B 3 -2.65 3.66 -15.30
CA CYS B 3 -1.86 2.48 -15.03
C CYS B 3 -2.80 1.24 -15.03
N GLN B 4 -2.36 0.12 -15.60
CA GLN B 4 -3.01 -1.15 -15.28
C GLN B 4 -2.43 -1.58 -13.96
N PRO B 5 -3.21 -2.31 -13.14
CA PRO B 5 -2.59 -2.62 -11.85
C PRO B 5 -1.73 -3.88 -11.87
N THR B 6 -0.65 -3.88 -11.10
CA THR B 6 0.05 -5.13 -10.83
C THR B 6 0.53 -5.26 -9.38
N GLU B 7 -0.10 -4.51 -8.46
CA GLU B 7 -0.01 -4.81 -7.04
C GLU B 7 -1.31 -4.51 -6.37
N PHE B 8 -1.51 -5.14 -5.22
CA PHE B 8 -2.62 -4.77 -4.36
C PHE B 8 -2.20 -4.82 -2.90
N ILE B 9 -2.91 -4.08 -2.08
CA ILE B 9 -2.70 -4.05 -0.65
C ILE B 9 -3.74 -4.95 0.03
N SER B 10 -3.28 -5.73 1.01
CA SER B 10 -4.16 -6.51 1.84
C SER B 10 -3.84 -6.21 3.31
N ARG B 11 -4.81 -6.42 4.18
CA ARG B 11 -4.54 -6.48 5.58
C ARG B 11 -4.82 -7.86 6.09
N HIS B 12 -4.07 -8.29 7.12
CA HIS B 12 -4.17 -9.62 7.68
C HIS B 12 -4.17 -9.57 9.19
N ASN B 13 -4.80 -10.56 9.80
CA ASN B 13 -4.52 -10.81 11.20
C ASN B 13 -3.17 -11.53 11.37
N ILE B 14 -2.74 -11.71 12.61
CA ILE B 14 -1.43 -12.29 12.85
C ILE B 14 -1.25 -13.70 12.30
N GLU B 15 -2.33 -14.42 12.08
CA GLU B 15 -2.23 -15.77 11.54
C GLU B 15 -2.22 -15.82 10.01
N GLY B 16 -2.52 -14.68 9.36
CA GLY B 16 -2.46 -14.62 7.91
C GLY B 16 -3.79 -14.51 7.23
N ILE B 17 -4.88 -14.48 8.02
CA ILE B 17 -6.17 -14.37 7.41
C ILE B 17 -6.35 -13.00 6.74
N PHE B 18 -6.86 -12.97 5.50
CA PHE B 18 -7.21 -11.69 4.85
C PHE B 18 -8.38 -10.99 5.56
N THR B 19 -8.16 -9.77 6.00
CA THR B 19 -9.26 -8.99 6.57
C THR B 19 -9.60 -7.74 5.73
N PHE B 20 -8.75 -7.43 4.75
CA PHE B 20 -8.94 -6.32 3.83
C PHE B 20 -8.21 -6.70 2.53
N VAL B 21 -8.79 -6.43 1.33
CA VAL B 21 -8.07 -6.51 0.09
C VAL B 21 -8.59 -5.37 -0.80
N ASP B 22 -7.73 -4.64 -1.48
CA ASP B 22 -8.28 -3.62 -2.41
C ASP B 22 -8.60 -4.29 -3.74
N HIS B 23 -9.38 -3.61 -4.58
CA HIS B 23 -9.94 -4.24 -5.76
C HIS B 23 -8.95 -4.48 -6.88
N ARG B 24 -7.71 -4.03 -6.70
CA ARG B 24 -6.69 -4.33 -7.69
C ARG B 24 -6.34 -5.80 -7.70
N CYS B 25 -6.78 -6.52 -6.69
CA CYS B 25 -6.54 -7.98 -6.68
C CYS B 25 -7.20 -8.69 -7.88
N VAL B 26 -8.29 -8.11 -8.40
CA VAL B 26 -8.96 -8.73 -9.54
C VAL B 26 -8.02 -8.77 -10.71
N ALA B 27 -7.41 -7.65 -11.03
CA ALA B 27 -6.47 -7.56 -12.17
C ALA B 27 -5.19 -8.32 -11.93
N THR B 28 -4.75 -8.37 -10.67
CA THR B 28 -3.44 -8.89 -10.32
C THR B 28 -3.48 -10.40 -10.20
N VAL B 29 -4.47 -10.93 -9.49
CA VAL B 29 -4.50 -12.38 -9.23
C VAL B 29 -5.83 -13.06 -9.64
N GLY B 30 -6.78 -12.27 -10.13
CA GLY B 30 -7.99 -12.81 -10.72
C GLY B 30 -9.17 -13.01 -9.77
N TYR B 31 -8.99 -12.76 -8.47
CA TYR B 31 -10.08 -12.95 -7.53
C TYR B 31 -10.73 -11.64 -7.16
N GLN B 32 -12.02 -11.66 -6.86
CA GLN B 32 -12.70 -10.54 -6.18
C GLN B 32 -12.26 -10.57 -4.71
N PRO B 33 -12.22 -9.42 -4.05
CA PRO B 33 -11.93 -9.36 -2.61
C PRO B 33 -12.70 -10.43 -1.83
N GLN B 34 -13.98 -10.57 -2.16
CA GLN B 34 -14.85 -11.51 -1.47
C GLN B 34 -14.39 -12.98 -1.54
N GLU B 35 -13.57 -13.31 -2.53
CA GLU B 35 -13.04 -14.65 -2.66
C GLU B 35 -11.78 -14.90 -1.81
N LEU B 36 -11.20 -13.82 -1.30
CA LEU B 36 -10.01 -13.89 -0.47
C LEU B 36 -10.31 -13.62 1.00
N LEU B 37 -11.23 -12.69 1.24
CA LEU B 37 -11.52 -12.28 2.62
C LEU B 37 -11.98 -13.43 3.50
N GLY B 38 -11.34 -13.57 4.64
CA GLY B 38 -11.63 -14.68 5.54
C GLY B 38 -10.86 -15.95 5.32
N LYS B 39 -10.14 -16.03 4.21
CA LYS B 39 -9.23 -17.13 3.96
C LYS B 39 -7.82 -16.76 4.39
N ASN B 40 -6.99 -17.76 4.66
CA ASN B 40 -5.58 -17.51 4.99
C ASN B 40 -4.77 -17.32 3.73
N ILE B 41 -3.82 -16.39 3.75
CA ILE B 41 -2.99 -16.18 2.55
C ILE B 41 -2.19 -17.44 2.19
N VAL B 42 -1.89 -18.26 3.18
CA VAL B 42 -1.07 -19.46 2.92
C VAL B 42 -1.85 -20.47 2.04
N GLU B 43 -3.18 -20.39 2.03
CA GLU B 43 -4.02 -21.25 1.19
C GLU B 43 -3.79 -20.98 -0.29
N PHE B 44 -3.20 -19.83 -0.62
CA PHE B 44 -2.97 -19.44 -2.01
C PHE B 44 -1.49 -19.53 -2.40
N CYS B 45 -0.66 -20.03 -1.49
CA CYS B 45 0.77 -20.09 -1.63
C CYS B 45 1.22 -21.47 -2.13
N HIS B 46 2.16 -21.48 -3.08
CA HIS B 46 2.71 -22.72 -3.55
C HIS B 46 3.27 -23.51 -2.32
N PRO B 47 3.04 -24.83 -2.28
CA PRO B 47 3.52 -25.55 -1.09
C PRO B 47 5.00 -25.39 -0.79
N GLU B 48 5.89 -25.40 -1.78
CA GLU B 48 7.31 -25.13 -1.57
C GLU B 48 7.68 -23.77 -0.99
N ASP B 49 6.77 -22.80 -1.05
CA ASP B 49 7.05 -21.46 -0.57
C ASP B 49 6.37 -21.20 0.76
N GLN B 50 5.66 -22.18 1.29
CA GLN B 50 4.84 -21.92 2.48
C GLN B 50 5.64 -21.60 3.77
N GLN B 51 6.83 -22.14 3.90
CA GLN B 51 7.59 -21.91 5.11
C GLN B 51 8.19 -20.50 5.07
N LEU B 52 8.61 -20.05 3.90
CA LEU B 52 9.05 -18.66 3.74
C LEU B 52 7.94 -17.70 4.18
N LEU B 53 6.73 -17.98 3.72
CA LEU B 53 5.62 -17.04 3.94
C LEU B 53 5.23 -17.10 5.42
N ARG B 54 5.19 -18.30 5.99
CA ARG B 54 4.99 -18.44 7.44
C ARG B 54 6.04 -17.71 8.26
N ASP B 55 7.30 -17.83 7.87
CA ASP B 55 8.40 -17.22 8.59
C ASP B 55 8.27 -15.71 8.53
N SER B 56 7.81 -15.20 7.38
CA SER B 56 7.52 -13.76 7.22
C SER B 56 6.52 -13.23 8.25
N PHE B 57 5.40 -13.92 8.35
CA PHE B 57 4.32 -13.57 9.24
C PHE B 57 4.74 -13.69 10.69
N GLN B 58 5.55 -14.71 10.99
CA GLN B 58 6.06 -14.88 12.35
C GLN B 58 7.00 -13.70 12.72
N GLN B 59 7.89 -13.35 11.84
CA GLN B 59 8.88 -12.34 12.17
C GLN B 59 8.35 -10.92 12.17
N VAL B 60 7.43 -10.59 11.27
CA VAL B 60 6.93 -9.23 11.21
CA VAL B 60 6.92 -9.23 11.22
C VAL B 60 6.24 -8.85 12.54
N VAL B 61 5.66 -9.81 13.25
CA VAL B 61 4.99 -9.51 14.51
C VAL B 61 6.00 -9.40 15.65
N LYS B 62 7.09 -10.14 15.54
CA LYS B 62 8.11 -10.13 16.60
CA LYS B 62 8.11 -10.11 16.60
C LYS B 62 8.79 -8.76 16.71
N LEU B 63 9.19 -8.18 15.57
CA LEU B 63 9.73 -6.83 15.58
C LEU B 63 8.71 -5.90 14.98
N LYS B 64 7.75 -5.53 15.80
CA LYS B 64 6.64 -4.79 15.33
C LYS B 64 7.09 -3.47 14.73
N GLY B 65 6.62 -3.19 13.53
CA GLY B 65 7.02 -1.98 12.83
C GLY B 65 8.12 -2.21 11.78
N GLN B 66 8.88 -3.29 11.89
CA GLN B 66 9.89 -3.60 10.89
C GLN B 66 9.25 -4.10 9.61
N VAL B 67 9.82 -3.71 8.48
CA VAL B 67 9.33 -4.17 7.18
C VAL B 67 10.14 -5.36 6.70
N LEU B 68 9.42 -6.38 6.25
CA LEU B 68 9.99 -7.55 5.57
C LEU B 68 9.48 -7.65 4.16
N SER B 69 10.26 -8.32 3.30
CA SER B 69 9.85 -8.57 1.93
C SER B 69 10.18 -10.01 1.58
N VAL B 70 9.20 -10.71 1.03
CA VAL B 70 9.31 -12.12 0.68
C VAL B 70 8.78 -12.34 -0.74
N MET B 71 9.35 -13.34 -1.42
CA MET B 71 8.88 -13.71 -2.73
C MET B 71 8.32 -15.10 -2.64
N PHE B 72 7.14 -15.29 -3.22
CA PHE B 72 6.44 -16.57 -3.20
C PHE B 72 5.50 -16.65 -4.39
N ARG B 73 5.10 -17.87 -4.74
CA ARG B 73 4.14 -18.07 -5.82
C ARG B 73 2.72 -18.12 -5.27
N PHE B 74 1.85 -17.31 -5.90
CA PHE B 74 0.48 -17.13 -5.53
C PHE B 74 -0.41 -17.81 -6.58
N ARG B 75 -1.38 -18.62 -6.14
CA ARG B 75 -2.28 -19.33 -7.04
C ARG B 75 -3.33 -18.36 -7.62
N SER B 76 -3.22 -18.00 -8.90
CA SER B 76 -4.23 -17.13 -9.49
C SER B 76 -5.50 -17.89 -9.84
N LYS B 77 -6.55 -17.10 -10.09
CA LYS B 77 -7.86 -17.62 -10.40
C LYS B 77 -7.83 -18.38 -11.70
N ASN B 78 -6.90 -18.02 -12.57
CA ASN B 78 -6.73 -18.68 -13.87
C ASN B 78 -5.80 -19.88 -13.76
N GLN B 79 -5.56 -20.36 -12.53
CA GLN B 79 -4.82 -21.62 -12.29
C GLN B 79 -3.41 -21.56 -12.82
N GLU B 80 -2.69 -20.51 -12.44
CA GLU B 80 -1.31 -20.31 -12.80
C GLU B 80 -0.60 -19.84 -11.55
N TRP B 81 0.66 -20.21 -11.37
CA TRP B 81 1.45 -19.66 -10.27
C TRP B 81 2.02 -18.31 -10.67
N LEU B 82 1.69 -17.28 -9.91
CA LEU B 82 2.24 -15.94 -10.14
C LEU B 82 3.26 -15.59 -9.08
N TRP B 83 4.45 -15.20 -9.50
CA TRP B 83 5.46 -14.75 -8.57
C TRP B 83 5.07 -13.42 -7.97
N MET B 84 5.06 -13.38 -6.65
CA MET B 84 4.65 -12.23 -5.90
C MET B 84 5.79 -11.80 -5.02
N ARG B 85 6.06 -10.49 -5.01
CA ARG B 85 6.97 -9.89 -4.03
C ARG B 85 6.10 -9.12 -3.05
N THR B 86 6.06 -9.59 -1.81
CA THR B 86 5.15 -9.00 -0.82
C THR B 86 5.97 -8.32 0.26
N SER B 87 5.70 -7.05 0.53
CA SER B 87 6.30 -6.40 1.71
C SER B 87 5.25 -6.49 2.79
N SER B 88 5.70 -6.67 4.01
CA SER B 88 4.80 -6.83 5.16
C SER B 88 5.34 -6.02 6.31
N PHE B 89 4.42 -5.41 7.06
CA PHE B 89 4.77 -4.80 8.34
C PHE B 89 3.53 -4.67 9.21
N THR B 90 3.73 -4.57 10.52
CA THR B 90 2.58 -4.36 11.43
C THR B 90 2.35 -2.89 11.59
N PHE B 91 1.07 -2.54 11.60
CA PHE B 91 0.63 -1.18 11.89
C PHE B 91 0.16 -1.16 13.35
N GLN B 92 0.77 -0.26 14.13
CA GLN B 92 0.50 -0.10 15.55
C GLN B 92 -0.51 1.00 15.82
N ASN B 93 -1.38 0.77 16.79
CA ASN B 93 -2.25 1.82 17.29
C ASN B 93 -1.40 2.99 17.78
N PRO B 94 -1.72 4.23 17.30
CA PRO B 94 -0.92 5.40 17.66
C PRO B 94 -0.78 5.70 19.17
N TYR B 95 -1.68 5.19 20.02
CA TYR B 95 -1.66 5.53 21.45
C TYR B 95 -1.14 4.42 22.37
N SER B 96 -1.31 3.17 21.95
CA SER B 96 -0.89 2.02 22.77
C SER B 96 0.31 1.30 22.19
N ASP B 97 0.49 1.41 20.87
CA ASP B 97 1.60 0.76 20.21
C ASP B 97 1.37 -0.74 20.13
N GLU B 98 0.13 -1.16 20.35
CA GLU B 98 -0.24 -2.56 20.13
C GLU B 98 -0.50 -2.80 18.63
N ILE B 99 -0.24 -4.02 18.19
CA ILE B 99 -0.44 -4.39 16.80
C ILE B 99 -1.92 -4.39 16.46
N GLU B 100 -2.29 -3.72 15.37
CA GLU B 100 -3.68 -3.68 14.92
C GLU B 100 -3.92 -4.55 13.70
N TYR B 101 -2.95 -4.53 12.77
CA TYR B 101 -3.07 -5.27 11.50
C TYR B 101 -1.67 -5.56 10.99
N ILE B 102 -1.55 -6.55 10.11
CA ILE B 102 -0.40 -6.70 9.24
C ILE B 102 -0.78 -6.14 7.88
N ILE B 103 0.03 -5.22 7.37
CA ILE B 103 -0.23 -4.56 6.09
C ILE B 103 0.71 -5.17 5.06
N CYS B 104 0.11 -5.79 4.03
CA CYS B 104 0.84 -6.41 2.92
C CYS B 104 0.62 -5.66 1.59
N THR B 105 1.72 -5.46 0.87
CA THR B 105 1.65 -4.88 -0.45
C THR B 105 2.23 -5.97 -1.33
N ASN B 106 1.37 -6.52 -2.20
CA ASN B 106 1.61 -7.76 -2.97
C ASN B 106 1.78 -7.38 -4.42
N THR B 107 3.02 -7.50 -4.93
CA THR B 107 3.37 -7.03 -6.26
C THR B 107 3.71 -8.22 -7.16
N ASN B 108 2.99 -8.35 -8.27
CA ASN B 108 3.37 -9.39 -9.24
C ASN B 108 4.69 -9.05 -9.92
N VAL B 109 5.66 -9.96 -9.81
CA VAL B 109 7.01 -9.82 -10.37
C VAL B 109 6.94 -10.00 -11.87
C48 PE5 C . -9.97 1.24 5.71
C50 PE5 C . -8.68 1.60 4.96
O1 PE5 C . -8.52 0.70 3.86
C1 PE5 C . -7.90 1.32 2.75
C2 PE5 C . -6.55 0.70 2.61
O2 PE5 C . -5.72 1.23 3.57
C3 PE5 C . -4.38 0.89 3.39
C4 PE5 C . -3.88 0.09 4.61
O3 PE5 C . -4.56 0.50 5.78
C5 PE5 C . -3.71 0.78 6.88
C6 PE5 C . -4.55 1.03 8.19
O4 PE5 C . -5.93 1.14 7.88
C7 PE5 C . -6.73 0.93 9.05
C8 PE5 C . -8.23 1.15 8.76
#